data_5H8H
#
_entry.id   5H8H
#
_cell.length_a   55.591
_cell.length_b   89.659
_cell.length_c   122.439
_cell.angle_alpha   90.00
_cell.angle_beta   90.00
_cell.angle_gamma   90.00
#
_symmetry.space_group_name_H-M   'P 21 21 21'
#
loop_
_entity.id
_entity.type
_entity.pdbx_description
1 polymer 'Glutamate receptor ionotropic, NMDA 2A,Glutamate receptor ionotropic, NMDA 2A'
2 polymer 'Glutamate receptor ionotropic, NMDA 1,Glutamate receptor ionotropic, NMDA 1'
3 non-polymer 'ACETATE ION'
4 non-polymer 'GLUTAMIC ACID'
5 non-polymer 'CALCIUM ION'
6 non-polymer GLYCINE
7 non-polymer 7-[[ethyl(phenyl)amino]methyl]-2-methyl-[1,3,4]thiadiazolo[3,2-a]pyrimidin-5-one
8 water water
#
loop_
_entity_poly.entity_id
_entity_poly.type
_entity_poly.pdbx_seq_one_letter_code
_entity_poly.pdbx_strand_id
1 'polypeptide(L)'
;GSPDDNHLSIVTLEEAPFVIVEDIDPLTETCVRNTVPCRKFVKINNSTNEGMNVKKCCKGFCIDILKKLSRTVKFTYDLY
LVTNGKHGKKVNNVWNGMIGEVVYQRAVMAVGSLTINEERSEVVDFSVPFVETGISVMVSRGTQVTGLSDKKFQRPHDYS
PPFRFGTVPNGSTERNIRNNYPYMHQYMTKFNQKGVEDALVSLKTGKLDAFIYDAAVLNYKAGRDEGCKLVTIGSGYIFA
TTGYGIALQKGSPWKRQIDLALLQFVGDGEMEELETLWLTGICHN
;
A
2 'polypeptide(L)'
;GSMSTRLKIVTIHQEPFVYVKPTLSDGTCKEEFTVNGDPVKKVICTGPNDTSPGSPRHTVPQCCYGFCIDLLIKLARTMN
FTYEVHLVADGKFGTQERVNNSNKKEWNGMMGELLSGQADMIVAPLTINNERAQYIEFSKPFKYQGLTILVKKGTRITGI
NDPRLRNPSDKFIYATVKQSSVDIYFRRQVELSTMYRHMEKHNYESAAEAIQAVRDNKLHAFIWDSAVLEFEASQKCDLV
TTGELFFRSGFGIGMRKDSPWKQNVSLSILKSHENGFMEDLDKTWVRYQECDS
;
B
#
loop_
_chem_comp.id
_chem_comp.type
_chem_comp.name
_chem_comp.formula
5YC non-polymer 7-[[ethyl(phenyl)amino]methyl]-2-methyl-[1,3,4]thiadiazolo[3,2-a]pyrimidin-5-one 'C15 H16 N4 O S'
ACT non-polymer 'ACETATE ION' 'C2 H3 O2 -1'
CA non-polymer 'CALCIUM ION' 'Ca 2'
#
# COMPACT_ATOMS: atom_id res chain seq x y z
N ASP A 5 -10.69 -8.27 -29.66
CA ASP A 5 -9.76 -9.13 -28.92
C ASP A 5 -9.89 -8.88 -27.40
N ASN A 6 -11.14 -8.91 -26.90
CA ASN A 6 -11.40 -8.64 -25.49
C ASN A 6 -11.91 -9.89 -24.72
N HIS A 7 -11.65 -11.10 -25.22
CA HIS A 7 -12.01 -12.33 -24.52
C HIS A 7 -10.68 -12.87 -24.04
N LEU A 8 -10.42 -12.71 -22.75
CA LEU A 8 -9.11 -12.96 -22.16
C LEU A 8 -8.94 -14.25 -21.39
N SER A 9 -7.78 -14.89 -21.56
CA SER A 9 -7.41 -16.09 -20.82
C SER A 9 -6.90 -15.57 -19.47
N ILE A 10 -7.55 -16.01 -18.39
CA ILE A 10 -7.21 -15.54 -17.04
C ILE A 10 -6.88 -16.73 -16.13
N VAL A 11 -5.72 -16.68 -15.44
CA VAL A 11 -5.31 -17.75 -14.50
C VAL A 11 -5.64 -17.36 -13.04
N THR A 12 -6.06 -18.36 -12.25
CA THR A 12 -6.36 -18.17 -10.84
C THR A 12 -5.79 -19.38 -10.04
N LEU A 13 -5.96 -19.36 -8.71
CA LEU A 13 -5.49 -20.43 -7.84
C LEU A 13 -6.32 -20.36 -6.59
N GLU A 14 -6.73 -21.53 -6.07
CA GLU A 14 -7.58 -21.59 -4.87
C GLU A 14 -6.80 -21.20 -3.62
N GLU A 15 -7.37 -20.32 -2.84
CA GLU A 15 -6.87 -19.91 -1.54
C GLU A 15 -7.98 -19.12 -0.87
N ALA A 16 -8.80 -19.82 -0.05
CA ALA A 16 -9.91 -19.20 0.69
C ALA A 16 -9.40 -18.01 1.57
N PRO A 17 -10.13 -16.87 1.64
CA PRO A 17 -11.44 -16.54 0.99
C PRO A 17 -11.30 -15.78 -0.34
N PHE A 18 -10.06 -15.67 -0.85
CA PHE A 18 -9.74 -14.91 -2.06
C PHE A 18 -10.29 -15.62 -3.27
N VAL A 19 -10.05 -16.92 -3.36
CA VAL A 19 -10.55 -17.75 -4.47
C VAL A 19 -10.99 -19.04 -3.82
N ILE A 20 -12.26 -19.43 -4.04
CA ILE A 20 -12.92 -20.64 -3.51
C ILE A 20 -13.50 -21.40 -4.68
N VAL A 21 -13.12 -22.67 -4.81
CA VAL A 21 -13.53 -23.57 -5.90
C VAL A 21 -14.59 -24.55 -5.39
N GLU A 22 -15.65 -24.73 -6.19
CA GLU A 22 -16.74 -25.65 -5.91
C GLU A 22 -17.06 -26.47 -7.13
N ASP A 23 -17.66 -27.64 -6.92
CA ASP A 23 -18.10 -28.54 -7.97
C ASP A 23 -19.30 -27.94 -8.64
N ILE A 24 -19.45 -28.15 -9.95
CA ILE A 24 -20.58 -27.62 -10.70
C ILE A 24 -21.94 -28.15 -10.17
N ASP A 25 -23.00 -27.33 -10.26
CA ASP A 25 -24.35 -27.63 -9.77
C ASP A 25 -25.02 -28.87 -10.45
N PRO A 26 -26.13 -29.44 -9.88
CA PRO A 26 -26.76 -30.60 -10.54
C PRO A 26 -27.82 -30.19 -11.57
N GLU A 29 -27.09 -27.91 -14.04
CA GLU A 29 -25.79 -28.53 -14.29
C GLU A 29 -24.67 -27.53 -14.69
N THR A 30 -24.84 -26.26 -14.26
CA THR A 30 -23.94 -25.12 -14.53
C THR A 30 -23.55 -24.37 -13.22
N CYS A 31 -22.84 -23.24 -13.33
CA CYS A 31 -22.46 -22.46 -12.17
C CYS A 31 -23.58 -21.48 -11.82
N VAL A 32 -24.01 -21.49 -10.55
CA VAL A 32 -25.09 -20.62 -10.04
C VAL A 32 -24.58 -19.57 -9.05
N ARG A 33 -25.51 -18.77 -8.48
CA ARG A 33 -25.29 -17.75 -7.44
C ARG A 33 -24.19 -16.72 -7.78
N ASN A 34 -23.27 -16.46 -6.82
CA ASN A 34 -22.16 -15.52 -6.94
C ASN A 34 -20.90 -16.19 -7.52
N THR A 35 -21.07 -17.39 -8.09
CA THR A 35 -19.95 -18.11 -8.67
C THR A 35 -19.81 -17.82 -10.18
N VAL A 36 -18.60 -18.02 -10.69
CA VAL A 36 -18.30 -17.87 -12.11
C VAL A 36 -17.67 -19.18 -12.58
N PRO A 37 -17.81 -19.55 -13.87
CA PRO A 37 -17.16 -20.77 -14.34
C PRO A 37 -15.63 -20.68 -14.34
N CYS A 38 -15.00 -21.78 -13.89
CA CYS A 38 -13.55 -21.94 -13.89
C CYS A 38 -13.18 -23.39 -14.17
N ARG A 39 -12.26 -23.59 -15.11
CA ARG A 39 -11.81 -24.90 -15.50
C ARG A 39 -10.50 -25.32 -14.84
N LYS A 40 -10.32 -26.62 -14.66
CA LYS A 40 -9.09 -27.16 -14.10
C LYS A 40 -8.71 -28.35 -14.92
N PHE A 41 -7.52 -28.31 -15.50
CA PHE A 41 -6.98 -29.41 -16.26
C PHE A 41 -6.58 -30.53 -15.29
N VAL A 42 -7.22 -31.70 -15.44
CA VAL A 42 -7.02 -32.87 -14.60
C VAL A 42 -6.48 -34.02 -15.44
N LYS A 43 -5.31 -34.55 -15.04
CA LYS A 43 -4.65 -35.66 -15.73
C LYS A 43 -5.40 -37.00 -15.60
N ILE A 44 -5.36 -37.84 -16.67
CA ILE A 44 -6.01 -39.16 -16.71
C ILE A 44 -5.28 -40.14 -15.78
N ASN A 45 -3.93 -40.12 -15.83
CA ASN A 45 -3.01 -40.95 -15.04
C ASN A 45 -1.64 -40.29 -15.00
N ASN A 46 -0.64 -40.91 -14.35
CA ASN A 46 0.70 -40.32 -14.22
C ASN A 46 1.73 -40.88 -15.17
N SER A 47 1.26 -41.64 -16.15
CA SER A 47 2.07 -42.28 -17.19
C SER A 47 1.78 -41.56 -18.51
N THR A 48 0.94 -40.52 -18.45
CA THR A 48 0.53 -39.75 -19.62
C THR A 48 0.52 -38.26 -19.38
N ASN A 49 0.46 -37.50 -20.46
CA ASN A 49 0.34 -36.05 -20.44
C ASN A 49 -1.11 -35.73 -20.75
N GLU A 50 -1.90 -36.76 -21.10
CA GLU A 50 -3.34 -36.69 -21.42
C GLU A 50 -4.14 -36.26 -20.18
N GLY A 51 -5.05 -35.33 -20.39
CA GLY A 51 -5.90 -34.84 -19.35
C GLY A 51 -7.18 -34.26 -19.88
N MET A 52 -8.00 -33.80 -18.98
CA MET A 52 -9.27 -33.21 -19.35
C MET A 52 -9.56 -32.05 -18.48
N ASN A 53 -10.17 -31.01 -19.04
CA ASN A 53 -10.50 -29.83 -18.25
C ASN A 53 -11.82 -30.12 -17.58
N VAL A 54 -11.84 -29.98 -16.28
CA VAL A 54 -13.05 -30.21 -15.48
C VAL A 54 -13.69 -28.85 -15.26
N LYS A 55 -14.99 -28.78 -15.49
CA LYS A 55 -15.78 -27.58 -15.29
C LYS A 55 -16.05 -27.44 -13.79
N LYS A 56 -15.55 -26.35 -13.19
CA LYS A 56 -15.74 -26.06 -11.76
C LYS A 56 -16.34 -24.66 -11.62
N CYS A 57 -16.56 -24.22 -10.38
CA CYS A 57 -17.16 -22.92 -10.10
C CYS A 57 -16.29 -22.19 -9.11
N CYS A 58 -16.01 -20.91 -9.38
CA CYS A 58 -15.16 -20.08 -8.54
C CYS A 58 -15.90 -18.89 -7.93
N LYS A 59 -15.58 -18.61 -6.67
CA LYS A 59 -16.10 -17.43 -5.95
C LYS A 59 -15.03 -16.92 -4.97
N GLY A 60 -15.30 -15.81 -4.30
CA GLY A 60 -14.37 -15.23 -3.35
C GLY A 60 -14.13 -13.76 -3.60
N PHE A 61 -13.32 -13.15 -2.72
CA PHE A 61 -12.92 -11.75 -2.76
C PHE A 61 -12.31 -11.37 -4.13
N CYS A 62 -11.31 -12.13 -4.61
CA CYS A 62 -10.66 -11.84 -5.90
C CYS A 62 -11.56 -12.05 -7.07
N ILE A 63 -12.50 -13.00 -6.96
CA ILE A 63 -13.48 -13.31 -8.01
C ILE A 63 -14.48 -12.14 -8.16
N ASP A 64 -14.92 -11.53 -7.03
CA ASP A 64 -15.79 -10.35 -7.09
C ASP A 64 -15.03 -9.17 -7.75
N ILE A 65 -13.72 -9.06 -7.48
CA ILE A 65 -12.89 -8.06 -8.12
C ILE A 65 -12.86 -8.32 -9.62
N LEU A 66 -12.70 -9.60 -10.05
CA LEU A 66 -12.66 -9.93 -11.48
C LEU A 66 -14.00 -9.58 -12.15
N LYS A 67 -15.10 -9.86 -11.46
CA LYS A 67 -16.46 -9.58 -11.92
C LYS A 67 -16.60 -8.08 -12.15
N LYS A 68 -16.16 -7.25 -11.17
CA LYS A 68 -16.23 -5.78 -11.28
C LYS A 68 -15.36 -5.27 -12.44
N LEU A 69 -14.13 -5.81 -12.58
CA LEU A 69 -13.21 -5.40 -13.66
C LEU A 69 -13.73 -5.76 -15.02
N SER A 70 -14.26 -6.97 -15.18
CA SER A 70 -14.85 -7.42 -16.42
C SER A 70 -15.95 -6.44 -16.86
N ARG A 71 -16.81 -6.04 -15.93
CA ARG A 71 -17.91 -5.10 -16.18
C ARG A 71 -17.41 -3.68 -16.52
N THR A 72 -16.45 -3.12 -15.72
CA THR A 72 -15.90 -1.76 -15.88
C THR A 72 -14.99 -1.66 -17.10
N VAL A 73 -13.96 -2.51 -17.16
CA VAL A 73 -12.92 -2.52 -18.20
C VAL A 73 -13.48 -3.12 -19.51
N LYS A 74 -14.66 -3.76 -19.44
CA LYS A 74 -15.39 -4.31 -20.59
C LYS A 74 -14.66 -5.44 -21.32
N PHE A 75 -14.48 -6.57 -20.64
CA PHE A 75 -13.88 -7.75 -21.27
C PHE A 75 -14.63 -8.98 -20.81
N THR A 76 -14.50 -10.07 -21.53
CA THR A 76 -15.05 -11.35 -21.11
C THR A 76 -13.83 -12.19 -20.90
N TYR A 77 -13.97 -13.32 -20.22
CA TYR A 77 -12.78 -14.10 -19.91
C TYR A 77 -13.04 -15.60 -19.84
N ASP A 78 -11.96 -16.38 -20.03
CA ASP A 78 -11.94 -17.82 -19.84
C ASP A 78 -11.06 -18.04 -18.58
N LEU A 79 -11.69 -18.34 -17.46
CA LEU A 79 -10.95 -18.51 -16.21
C LEU A 79 -10.47 -19.96 -15.98
N TYR A 80 -9.20 -20.12 -15.65
CA TYR A 80 -8.68 -21.45 -15.35
C TYR A 80 -7.81 -21.44 -14.11
N LEU A 81 -7.73 -22.59 -13.45
CA LEU A 81 -6.92 -22.79 -12.26
C LEU A 81 -5.55 -23.32 -12.67
N VAL A 82 -4.47 -22.73 -12.17
CA VAL A 82 -3.10 -23.16 -12.52
C VAL A 82 -2.83 -24.58 -12.02
N THR A 83 -2.05 -25.38 -12.75
CA THR A 83 -1.78 -26.78 -12.33
C THR A 83 -0.28 -27.02 -12.25
N ASN A 84 0.51 -26.10 -12.80
CA ASN A 84 1.96 -26.21 -12.77
C ASN A 84 2.47 -25.25 -11.69
N GLY A 85 2.53 -25.73 -10.47
CA GLY A 85 2.95 -24.89 -9.35
C GLY A 85 1.78 -24.12 -8.76
N LYS A 86 2.07 -23.10 -7.95
CA LYS A 86 1.05 -22.35 -7.24
C LYS A 86 1.07 -20.86 -7.60
N HIS A 87 1.54 -20.00 -6.71
CA HIS A 87 1.56 -18.55 -6.89
C HIS A 87 2.63 -18.16 -7.90
N GLY A 88 3.85 -18.64 -7.69
CA GLY A 88 4.93 -18.38 -8.62
C GLY A 88 6.29 -18.55 -7.99
N LYS A 89 7.11 -19.45 -8.61
CA LYS A 89 8.49 -19.68 -8.16
C LYS A 89 9.40 -19.73 -9.39
N LYS A 90 10.57 -19.09 -9.28
CA LYS A 90 11.58 -19.07 -10.34
C LYS A 90 12.52 -20.25 -10.05
N VAL A 91 12.46 -21.29 -10.89
CA VAL A 91 13.30 -22.48 -10.72
C VAL A 91 14.27 -22.52 -11.91
N ASN A 92 15.60 -22.37 -11.62
CA ASN A 92 16.67 -22.34 -12.64
C ASN A 92 16.31 -21.32 -13.73
N ASN A 93 15.84 -20.13 -13.28
CA ASN A 93 15.41 -18.99 -14.10
C ASN A 93 14.13 -19.24 -14.93
N VAL A 94 13.39 -20.32 -14.61
CA VAL A 94 12.10 -20.66 -15.25
C VAL A 94 10.96 -20.51 -14.22
N TRP A 95 10.03 -19.58 -14.48
CA TRP A 95 8.88 -19.31 -13.61
C TRP A 95 7.76 -20.34 -13.79
N ASN A 96 7.27 -20.90 -12.69
CA ASN A 96 6.08 -21.76 -12.68
C ASN A 96 4.93 -20.93 -12.05
N GLY A 97 3.85 -21.62 -11.72
CA GLY A 97 2.69 -21.03 -11.06
C GLY A 97 1.97 -20.01 -11.90
N MET A 98 1.17 -19.15 -11.22
CA MET A 98 0.40 -18.07 -11.85
C MET A 98 1.33 -17.08 -12.57
N ILE A 99 2.50 -16.77 -11.98
CA ILE A 99 3.50 -15.90 -12.61
C ILE A 99 3.96 -16.50 -13.96
N GLY A 100 4.34 -17.78 -13.95
CA GLY A 100 4.78 -18.49 -15.14
C GLY A 100 3.76 -18.48 -16.25
N GLU A 101 2.47 -18.65 -15.91
CA GLU A 101 1.37 -18.63 -16.86
C GLU A 101 1.32 -17.28 -17.59
N VAL A 102 1.53 -16.17 -16.86
CA VAL A 102 1.53 -14.80 -17.43
C VAL A 102 2.83 -14.60 -18.24
N VAL A 103 3.99 -14.87 -17.63
CA VAL A 103 5.30 -14.79 -18.28
C VAL A 103 5.30 -15.53 -19.66
N TYR A 104 4.89 -16.81 -19.70
CA TYR A 104 4.91 -17.60 -20.93
C TYR A 104 3.60 -17.46 -21.76
N GLN A 105 2.90 -16.35 -21.55
CA GLN A 105 1.72 -15.89 -22.30
C GLN A 105 0.59 -16.90 -22.49
N ARG A 106 0.35 -17.74 -21.48
CA ARG A 106 -0.79 -18.66 -21.54
C ARG A 106 -1.99 -17.97 -20.90
N ALA A 107 -1.73 -16.85 -20.20
CA ALA A 107 -2.75 -16.06 -19.52
C ALA A 107 -2.47 -14.62 -19.77
N VAL A 108 -3.53 -13.84 -20.00
CA VAL A 108 -3.41 -12.40 -20.16
C VAL A 108 -3.19 -11.81 -18.76
N MET A 109 -3.80 -12.43 -17.75
CA MET A 109 -3.63 -11.96 -16.39
C MET A 109 -3.84 -13.05 -15.35
N ALA A 110 -3.25 -12.83 -14.14
CA ALA A 110 -3.35 -13.72 -13.00
C ALA A 110 -4.15 -12.97 -11.94
N VAL A 111 -5.23 -13.58 -11.46
CA VAL A 111 -6.07 -12.96 -10.45
CA VAL A 111 -6.12 -12.98 -10.47
C VAL A 111 -6.17 -13.88 -9.22
N GLY A 112 -5.74 -13.38 -8.09
CA GLY A 112 -5.79 -14.20 -6.89
C GLY A 112 -5.06 -13.58 -5.74
N SER A 113 -4.65 -14.42 -4.80
CA SER A 113 -3.92 -14.03 -3.60
C SER A 113 -2.42 -13.97 -3.97
N LEU A 114 -2.10 -13.12 -4.98
CA LEU A 114 -0.79 -12.98 -5.58
C LEU A 114 0.00 -11.79 -5.07
N THR A 115 1.04 -12.07 -4.27
CA THR A 115 1.90 -11.06 -3.67
C THR A 115 2.83 -10.36 -4.66
N ILE A 116 2.77 -9.02 -4.65
CA ILE A 116 3.64 -8.17 -5.44
C ILE A 116 5.01 -8.24 -4.79
N ASN A 117 6.05 -8.59 -5.52
CA ASN A 117 7.39 -8.49 -4.97
C ASN A 117 8.30 -8.04 -6.11
N GLU A 118 9.54 -7.63 -5.76
CA GLU A 118 10.53 -7.17 -6.72
C GLU A 118 10.92 -8.21 -7.78
N GLU A 119 11.25 -9.44 -7.42
CA GLU A 119 11.65 -10.39 -8.45
C GLU A 119 10.52 -10.75 -9.41
N ARG A 120 9.25 -10.80 -8.93
CA ARG A 120 8.14 -11.10 -9.84
C ARG A 120 7.93 -9.87 -10.76
N SER A 121 8.11 -8.64 -10.19
CA SER A 121 7.94 -7.38 -10.91
C SER A 121 8.94 -7.19 -12.05
N GLU A 122 10.02 -7.97 -12.08
CA GLU A 122 10.99 -7.89 -13.18
C GLU A 122 10.45 -8.56 -14.44
N VAL A 123 9.61 -9.60 -14.28
CA VAL A 123 9.09 -10.38 -15.42
C VAL A 123 7.57 -10.15 -15.74
N VAL A 124 6.81 -9.49 -14.84
CA VAL A 124 5.38 -9.21 -15.09
C VAL A 124 5.08 -7.81 -14.62
N ASP A 125 4.02 -7.20 -15.13
CA ASP A 125 3.61 -5.91 -14.57
C ASP A 125 2.50 -6.23 -13.57
N PHE A 126 2.45 -5.49 -12.48
CA PHE A 126 1.42 -5.67 -11.48
C PHE A 126 0.54 -4.44 -11.48
N SER A 127 -0.76 -4.64 -11.27
CA SER A 127 -1.73 -3.56 -11.10
C SER A 127 -1.45 -2.91 -9.74
N VAL A 128 -2.18 -1.84 -9.41
CA VAL A 128 -2.08 -1.22 -8.08
C VAL A 128 -2.48 -2.29 -7.06
N PRO A 129 -1.96 -2.32 -5.82
CA PRO A 129 -2.40 -3.36 -4.88
C PRO A 129 -3.90 -3.20 -4.56
N PHE A 130 -4.64 -4.32 -4.41
CA PHE A 130 -6.06 -4.25 -4.04
C PHE A 130 -6.28 -4.66 -2.59
N VAL A 131 -5.29 -5.36 -1.98
CA VAL A 131 -5.29 -5.82 -0.57
C VAL A 131 -3.88 -5.62 -0.04
N GLU A 132 -3.76 -5.16 1.21
CA GLU A 132 -2.46 -5.08 1.83
C GLU A 132 -2.07 -6.47 2.34
N THR A 133 -0.79 -6.84 2.17
CA THR A 133 -0.27 -8.09 2.69
C THR A 133 1.19 -7.92 3.08
N GLY A 134 1.80 -9.05 3.42
CA GLY A 134 3.19 -9.16 3.81
C GLY A 134 3.34 -10.45 4.58
N ILE A 135 4.20 -10.39 5.58
CA ILE A 135 4.53 -11.56 6.39
C ILE A 135 4.06 -11.36 7.80
N SER A 136 3.19 -12.23 8.27
CA SER A 136 2.73 -12.24 9.65
C SER A 136 3.15 -13.56 10.30
N VAL A 137 3.12 -13.63 11.64
CA VAL A 137 3.53 -14.81 12.39
C VAL A 137 2.34 -15.23 13.20
N MET A 138 1.84 -16.46 13.01
CA MET A 138 0.73 -17.03 13.75
C MET A 138 1.26 -17.95 14.85
N VAL A 139 0.76 -17.72 16.06
CA VAL A 139 1.12 -18.49 17.25
C VAL A 139 -0.16 -18.77 18.07
N SER A 140 -0.04 -19.69 19.04
CA SER A 140 -1.12 -19.94 20.01
C SER A 140 -1.10 -18.70 20.92
N ARG A 141 -2.30 -18.17 21.27
CA ARG A 141 -2.43 -16.99 22.13
C ARG A 141 -1.54 -17.12 23.39
N GLY A 142 -0.73 -16.09 23.65
CA GLY A 142 0.17 -16.08 24.79
C GLY A 142 1.64 -16.35 24.49
N THR A 143 1.95 -16.95 23.32
CA THR A 143 3.33 -17.26 22.91
C THR A 143 4.11 -15.96 22.84
N GLN A 144 5.24 -15.90 23.58
CA GLN A 144 6.06 -14.69 23.65
C GLN A 144 7.15 -14.64 22.59
N VAL A 145 6.87 -13.89 21.53
CA VAL A 145 7.75 -13.59 20.41
C VAL A 145 7.43 -12.18 19.97
N THR A 146 8.48 -11.34 19.81
CA THR A 146 8.34 -9.91 19.45
C THR A 146 7.93 -9.75 18.00
N GLY A 147 8.34 -10.71 17.17
CA GLY A 147 8.14 -10.72 15.73
C GLY A 147 9.26 -11.46 15.02
N LEU A 148 9.43 -11.23 13.69
CA LEU A 148 10.46 -11.89 12.88
C LEU A 148 11.87 -11.69 13.38
N SER A 149 12.15 -10.52 13.92
CA SER A 149 13.45 -10.12 14.46
C SER A 149 13.79 -10.80 15.79
N ASP A 150 12.80 -11.49 16.40
CA ASP A 150 13.01 -12.14 17.68
C ASP A 150 14.17 -13.13 17.61
N LYS A 151 15.01 -13.15 18.65
CA LYS A 151 16.17 -14.04 18.73
C LYS A 151 15.75 -15.51 18.68
N LYS A 152 14.48 -15.81 18.96
CA LYS A 152 13.94 -17.18 18.87
C LYS A 152 13.90 -17.61 17.39
N PHE A 153 13.71 -16.64 16.45
CA PHE A 153 13.69 -16.92 15.03
C PHE A 153 15.07 -16.79 14.42
N GLN A 154 15.78 -15.71 14.79
CA GLN A 154 17.10 -15.38 14.27
C GLN A 154 18.18 -16.35 14.61
N ARG A 155 18.22 -16.78 15.88
CA ARG A 155 19.26 -17.70 16.36
C ARG A 155 18.50 -18.79 17.11
N PRO A 156 17.80 -19.73 16.41
CA PRO A 156 16.95 -20.68 17.13
C PRO A 156 17.63 -21.65 18.07
N HIS A 157 18.90 -21.98 17.81
CA HIS A 157 19.60 -22.95 18.64
C HIS A 157 20.18 -22.34 19.94
N ASP A 158 19.88 -21.07 20.20
CA ASP A 158 20.23 -20.40 21.44
C ASP A 158 19.21 -20.83 22.52
N TYR A 159 18.24 -21.70 22.14
CA TYR A 159 17.15 -22.15 23.00
C TYR A 159 17.07 -23.66 23.12
N SER A 160 16.70 -24.11 24.34
CA SER A 160 16.56 -25.53 24.71
C SER A 160 15.19 -25.77 25.36
N PRO A 161 14.24 -26.44 24.66
CA PRO A 161 14.34 -26.92 23.27
C PRO A 161 14.19 -25.75 22.27
N PRO A 162 14.67 -25.88 21.02
CA PRO A 162 14.56 -24.74 20.10
C PRO A 162 13.15 -24.49 19.62
N PHE A 163 12.82 -23.23 19.32
CA PHE A 163 11.52 -22.83 18.80
C PHE A 163 11.27 -23.54 17.45
N ARG A 164 10.10 -24.13 17.27
CA ARG A 164 9.72 -24.87 16.06
C ARG A 164 8.83 -24.00 15.19
N PHE A 165 9.31 -23.64 14.03
CA PHE A 165 8.53 -22.77 13.16
C PHE A 165 8.81 -23.05 11.72
N GLY A 166 7.81 -22.84 10.90
CA GLY A 166 7.93 -23.05 9.47
C GLY A 166 6.94 -22.25 8.66
N THR A 167 7.09 -22.39 7.35
CA THR A 167 6.20 -21.76 6.39
C THR A 167 5.74 -22.82 5.38
N VAL A 168 4.96 -22.39 4.39
CA VAL A 168 4.58 -23.23 3.26
C VAL A 168 5.61 -22.77 2.22
N PRO A 169 6.52 -23.65 1.74
CA PRO A 169 7.58 -23.17 0.83
C PRO A 169 7.08 -22.75 -0.56
N ASN A 170 7.99 -22.16 -1.35
CA ASN A 170 7.86 -21.83 -2.76
C ASN A 170 7.09 -20.57 -3.08
N GLY A 171 6.65 -19.85 -2.07
CA GLY A 171 5.92 -18.59 -2.30
C GLY A 171 6.76 -17.39 -1.91
N SER A 172 6.16 -16.20 -1.93
CA SER A 172 6.85 -14.95 -1.56
C SER A 172 7.35 -14.92 -0.10
N THR A 173 6.70 -15.63 0.86
CA THR A 173 7.20 -15.64 2.26
C THR A 173 8.56 -16.33 2.33
N GLU A 174 8.67 -17.54 1.75
CA GLU A 174 9.94 -18.24 1.78
C GLU A 174 11.05 -17.46 1.08
N ARG A 175 10.77 -16.90 -0.12
CA ARG A 175 11.76 -16.11 -0.88
CA ARG A 175 11.74 -16.10 -0.89
C ARG A 175 12.30 -14.96 -0.03
N ASN A 176 11.43 -14.27 0.70
CA ASN A 176 11.81 -13.15 1.55
C ASN A 176 12.66 -13.62 2.75
N ILE A 177 12.27 -14.74 3.38
CA ILE A 177 13.02 -15.23 4.55
C ILE A 177 14.41 -15.67 4.06
N ARG A 178 14.48 -16.28 2.86
CA ARG A 178 15.71 -16.74 2.21
C ARG A 178 16.65 -15.57 1.95
N ASN A 179 16.12 -14.44 1.45
CA ASN A 179 16.91 -13.25 1.16
C ASN A 179 17.36 -12.51 2.39
N ASN A 180 16.51 -12.39 3.41
CA ASN A 180 16.81 -11.60 4.60
C ASN A 180 17.43 -12.32 5.78
N TYR A 181 17.03 -13.56 6.06
CA TYR A 181 17.49 -14.27 7.27
C TYR A 181 18.05 -15.63 6.89
N PRO A 182 19.30 -15.70 6.35
CA PRO A 182 19.83 -16.98 5.86
C PRO A 182 19.86 -18.11 6.89
N TYR A 183 20.27 -17.84 8.14
CA TYR A 183 20.31 -18.88 9.16
C TYR A 183 18.92 -19.38 9.48
N MET A 184 17.98 -18.44 9.70
CA MET A 184 16.58 -18.74 9.99
CA MET A 184 16.58 -18.75 9.99
C MET A 184 16.01 -19.63 8.87
N HIS A 185 16.23 -19.22 7.63
CA HIS A 185 15.72 -19.97 6.49
C HIS A 185 16.16 -21.46 6.51
N GLN A 186 17.49 -21.75 6.55
CA GLN A 186 18.03 -23.12 6.51
C GLN A 186 17.58 -23.92 7.70
N TYR A 187 17.30 -23.26 8.81
CA TYR A 187 16.76 -23.93 9.99
C TYR A 187 15.30 -24.37 9.78
N MET A 188 14.47 -23.49 9.22
CA MET A 188 13.03 -23.65 9.01
C MET A 188 12.64 -24.79 8.07
N THR A 189 13.51 -25.14 7.13
CA THR A 189 13.12 -26.07 6.08
C THR A 189 12.63 -27.41 6.64
N LYS A 190 13.19 -27.89 7.77
CA LYS A 190 12.68 -29.12 8.39
C LYS A 190 11.23 -28.98 8.88
N PHE A 191 10.72 -27.73 9.03
CA PHE A 191 9.34 -27.48 9.50
C PHE A 191 8.43 -27.03 8.39
N ASN A 192 8.84 -27.18 7.13
CA ASN A 192 8.06 -26.83 5.95
C ASN A 192 6.71 -27.54 6.02
N GLN A 193 5.63 -26.80 5.78
CA GLN A 193 4.27 -27.33 5.81
C GLN A 193 3.77 -27.50 4.38
N LYS A 194 2.93 -28.52 4.14
CA LYS A 194 2.38 -28.78 2.81
C LYS A 194 1.38 -27.71 2.38
N GLY A 195 0.69 -27.13 3.36
CA GLY A 195 -0.29 -26.09 3.14
C GLY A 195 -0.72 -25.47 4.44
N VAL A 196 -1.52 -24.42 4.35
CA VAL A 196 -2.08 -23.63 5.45
C VAL A 196 -2.85 -24.54 6.42
N GLU A 197 -3.72 -25.42 5.90
CA GLU A 197 -4.52 -26.34 6.73
C GLU A 197 -3.67 -27.24 7.64
N ASP A 198 -2.57 -27.78 7.11
CA ASP A 198 -1.66 -28.64 7.86
C ASP A 198 -0.92 -27.83 8.90
N ALA A 199 -0.51 -26.62 8.51
CA ALA A 199 0.19 -25.71 9.39
C ALA A 199 -0.64 -25.38 10.63
N LEU A 200 -1.93 -25.05 10.45
CA LEU A 200 -2.85 -24.72 11.54
C LEU A 200 -3.07 -25.94 12.46
N VAL A 201 -3.17 -27.14 11.86
CA VAL A 201 -3.32 -28.38 12.61
C VAL A 201 -2.03 -28.64 13.42
N SER A 202 -0.83 -28.49 12.78
CA SER A 202 0.47 -28.66 13.42
CA SER A 202 0.47 -28.68 13.43
C SER A 202 0.61 -27.75 14.63
N LEU A 203 0.12 -26.48 14.52
CA LEU A 203 0.16 -25.48 15.58
C LEU A 203 -0.72 -25.95 16.73
N LYS A 204 -1.98 -26.34 16.42
CA LYS A 204 -2.99 -26.78 17.39
C LYS A 204 -2.63 -28.09 18.09
N THR A 205 -1.92 -29.01 17.41
CA THR A 205 -1.49 -30.30 17.98
C THR A 205 -0.12 -30.19 18.66
N GLY A 206 0.35 -28.95 18.88
CA GLY A 206 1.63 -28.68 19.53
C GLY A 206 2.86 -29.22 18.83
N LYS A 207 2.78 -29.44 17.51
CA LYS A 207 3.89 -29.95 16.69
C LYS A 207 4.66 -28.79 16.06
N LEU A 208 4.12 -27.58 16.21
CA LEU A 208 4.69 -26.33 15.70
C LEU A 208 4.45 -25.24 16.70
N ASP A 209 5.43 -24.36 16.93
CA ASP A 209 5.28 -23.23 17.84
C ASP A 209 4.84 -21.98 17.07
N ALA A 210 5.32 -21.81 15.84
CA ALA A 210 4.93 -20.66 15.04
C ALA A 210 4.78 -20.99 13.56
N PHE A 211 3.81 -20.36 12.92
CA PHE A 211 3.59 -20.51 11.48
C PHE A 211 3.76 -19.13 10.81
N ILE A 212 4.79 -19.02 9.95
CA ILE A 212 5.15 -17.78 9.26
C ILE A 212 4.53 -17.80 7.88
N TYR A 213 3.66 -16.81 7.56
CA TYR A 213 2.98 -16.88 6.27
C TYR A 213 2.42 -15.54 5.81
N ASP A 214 1.77 -15.52 4.65
CA ASP A 214 1.06 -14.38 4.07
C ASP A 214 0.13 -13.78 5.09
N ALA A 215 0.33 -12.48 5.39
CA ALA A 215 -0.43 -11.70 6.37
C ALA A 215 -1.93 -11.66 6.15
N ALA A 216 -2.40 -11.35 4.93
CA ALA A 216 -3.84 -11.30 4.64
C ALA A 216 -4.53 -12.66 4.92
N VAL A 217 -3.91 -13.79 4.52
CA VAL A 217 -4.45 -15.12 4.81
C VAL A 217 -4.42 -15.40 6.34
N LEU A 218 -3.29 -15.17 6.99
CA LEU A 218 -3.16 -15.40 8.45
C LEU A 218 -4.15 -14.61 9.28
N ASN A 219 -4.33 -13.31 8.96
CA ASN A 219 -5.30 -12.44 9.62
C ASN A 219 -6.72 -12.97 9.42
N TYR A 220 -7.03 -13.51 8.22
CA TYR A 220 -8.36 -14.11 7.97
C TYR A 220 -8.50 -15.40 8.80
N LYS A 221 -7.46 -16.26 8.83
CA LYS A 221 -7.50 -17.51 9.61
C LYS A 221 -7.66 -17.25 11.14
N ALA A 222 -6.96 -16.23 11.68
CA ALA A 222 -7.06 -15.82 13.09
C ALA A 222 -8.47 -15.29 13.37
N GLY A 223 -9.08 -14.63 12.40
CA GLY A 223 -10.42 -14.08 12.55
C GLY A 223 -11.51 -15.12 12.66
N ARG A 224 -11.27 -16.33 12.11
CA ARG A 224 -12.21 -17.44 12.05
C ARG A 224 -11.82 -18.66 12.90
N ASP A 225 -10.73 -18.54 13.69
CA ASP A 225 -10.30 -19.68 14.48
C ASP A 225 -11.28 -20.06 15.59
N GLU A 226 -11.51 -21.39 15.76
CA GLU A 226 -12.39 -22.00 16.78
C GLU A 226 -11.81 -21.70 18.17
N GLY A 227 -12.59 -20.98 18.98
CA GLY A 227 -12.18 -20.58 20.33
C GLY A 227 -11.15 -19.45 20.37
N CYS A 228 -10.88 -18.82 19.18
CA CYS A 228 -9.94 -17.73 18.96
C CYS A 228 -8.55 -17.97 19.61
N LYS A 229 -8.12 -19.24 19.56
CA LYS A 229 -6.87 -19.72 20.12
C LYS A 229 -5.63 -19.27 19.35
N LEU A 230 -5.64 -19.38 18.02
CA LEU A 230 -4.50 -18.98 17.17
C LEU A 230 -4.57 -17.51 16.80
N VAL A 231 -3.49 -16.78 17.09
CA VAL A 231 -3.42 -15.34 16.80
C VAL A 231 -2.17 -14.97 16.01
N THR A 232 -2.17 -13.76 15.41
CA THR A 232 -0.98 -13.23 14.73
C THR A 232 -0.29 -12.27 15.71
N ILE A 233 1.05 -12.36 15.84
CA ILE A 233 1.82 -11.52 16.79
C ILE A 233 1.71 -10.03 16.47
N GLY A 234 1.79 -9.24 17.54
CA GLY A 234 1.60 -7.80 17.52
C GLY A 234 0.11 -7.56 17.43
N SER A 235 -0.29 -6.42 16.89
CA SER A 235 -1.72 -6.15 16.70
C SER A 235 -2.03 -6.53 15.25
N GLY A 236 -1.72 -7.79 14.89
CA GLY A 236 -1.82 -8.31 13.53
C GLY A 236 -0.79 -7.61 12.67
N TYR A 237 0.47 -7.53 13.17
CA TYR A 237 1.60 -6.86 12.54
C TYR A 237 2.05 -7.49 11.21
N ILE A 238 2.56 -6.66 10.27
CA ILE A 238 3.00 -7.10 8.94
C ILE A 238 4.45 -6.68 8.63
N PHE A 239 5.37 -7.66 8.43
CA PHE A 239 6.74 -7.43 8.03
C PHE A 239 6.78 -7.50 6.50
N ALA A 240 7.70 -6.73 5.87
CA ALA A 240 7.90 -6.65 4.43
C ALA A 240 6.56 -6.42 3.74
N THR A 241 5.87 -5.40 4.21
CA THR A 241 4.54 -5.02 3.76
C THR A 241 4.51 -4.75 2.24
N THR A 242 3.58 -5.41 1.60
CA THR A 242 3.35 -5.37 0.17
C THR A 242 1.82 -5.46 -0.06
N GLY A 243 1.39 -6.01 -1.17
CA GLY A 243 -0.03 -6.19 -1.44
C GLY A 243 -0.29 -7.24 -2.48
N TYR A 244 -1.59 -7.59 -2.65
CA TYR A 244 -1.96 -8.49 -3.71
C TYR A 244 -2.24 -7.60 -4.91
N GLY A 245 -1.72 -7.99 -6.07
CA GLY A 245 -1.97 -7.27 -7.31
C GLY A 245 -2.26 -8.28 -8.42
N ILE A 246 -2.98 -7.83 -9.45
CA ILE A 246 -3.23 -8.60 -10.66
C ILE A 246 -1.90 -8.54 -11.47
N ALA A 247 -1.39 -9.70 -11.90
CA ALA A 247 -0.18 -9.75 -12.73
C ALA A 247 -0.64 -9.74 -14.17
N LEU A 248 0.00 -8.89 -14.96
CA LEU A 248 -0.26 -8.73 -16.38
C LEU A 248 1.06 -8.87 -17.11
N GLN A 249 1.00 -9.14 -18.42
CA GLN A 249 2.23 -9.25 -19.20
C GLN A 249 2.91 -7.86 -19.29
N LYS A 250 4.25 -7.79 -19.33
CA LYS A 250 4.99 -6.54 -19.50
C LYS A 250 4.49 -5.81 -20.75
N GLY A 251 4.11 -4.55 -20.58
CA GLY A 251 3.59 -3.76 -21.69
C GLY A 251 2.16 -4.07 -22.08
N SER A 252 1.44 -4.78 -21.20
CA SER A 252 0.03 -5.15 -21.39
C SER A 252 -0.81 -3.92 -21.75
N PRO A 253 -1.69 -3.99 -22.76
CA PRO A 253 -2.56 -2.84 -23.05
C PRO A 253 -3.74 -2.73 -22.07
N TRP A 254 -3.88 -3.69 -21.12
CA TRP A 254 -4.99 -3.72 -20.15
C TRP A 254 -4.70 -3.03 -18.83
N LYS A 255 -3.40 -2.89 -18.47
CA LYS A 255 -2.92 -2.34 -17.19
C LYS A 255 -3.51 -0.97 -16.83
N ARG A 256 -3.53 -0.02 -17.79
CA ARG A 256 -4.04 1.34 -17.56
C ARG A 256 -5.49 1.31 -17.07
N GLN A 257 -6.37 0.64 -17.82
CA GLN A 257 -7.79 0.55 -17.45
C GLN A 257 -7.99 -0.26 -16.16
N ILE A 258 -7.14 -1.28 -15.90
CA ILE A 258 -7.30 -2.11 -14.70
C ILE A 258 -6.93 -1.30 -13.45
N ASP A 259 -5.83 -0.55 -13.50
CA ASP A 259 -5.39 0.33 -12.41
C ASP A 259 -6.40 1.40 -12.10
N LEU A 260 -6.94 2.08 -13.14
CA LEU A 260 -7.91 3.17 -12.92
C LEU A 260 -9.19 2.65 -12.30
N ALA A 261 -9.66 1.48 -12.78
CA ALA A 261 -10.86 0.82 -12.26
C ALA A 261 -10.67 0.43 -10.79
N LEU A 262 -9.54 -0.19 -10.44
CA LEU A 262 -9.25 -0.56 -9.05
C LEU A 262 -9.22 0.67 -8.12
N LEU A 263 -8.55 1.76 -8.52
CA LEU A 263 -8.52 3.01 -7.72
C LEU A 263 -9.91 3.63 -7.63
N GLN A 264 -10.73 3.46 -8.66
CA GLN A 264 -12.13 3.91 -8.70
C GLN A 264 -12.87 3.12 -7.63
N PHE A 265 -12.79 1.76 -7.67
CA PHE A 265 -13.41 0.88 -6.66
C PHE A 265 -13.02 1.26 -5.21
N VAL A 266 -11.73 1.57 -4.95
CA VAL A 266 -11.25 1.95 -3.61
C VAL A 266 -11.90 3.29 -3.19
N GLY A 267 -11.88 4.25 -4.12
CA GLY A 267 -12.44 5.58 -3.90
C GLY A 267 -13.91 5.56 -3.56
N ASP A 268 -14.68 4.65 -4.19
CA ASP A 268 -16.14 4.52 -3.98
C ASP A 268 -16.53 3.64 -2.79
N GLY A 269 -15.54 3.21 -1.99
CA GLY A 269 -15.76 2.35 -0.84
C GLY A 269 -16.18 0.92 -1.18
N GLU A 270 -16.04 0.55 -2.46
CA GLU A 270 -16.37 -0.80 -2.95
C GLU A 270 -15.40 -1.87 -2.42
N MET A 271 -14.10 -1.53 -2.27
CA MET A 271 -13.11 -2.46 -1.71
C MET A 271 -13.40 -2.75 -0.26
N GLU A 272 -13.71 -1.69 0.53
CA GLU A 272 -14.06 -1.80 1.95
C GLU A 272 -15.25 -2.74 2.09
N GLU A 273 -16.24 -2.66 1.18
CA GLU A 273 -17.41 -3.52 1.15
C GLU A 273 -17.00 -4.99 0.96
N LEU A 274 -16.17 -5.31 -0.06
CA LEU A 274 -15.69 -6.69 -0.29
C LEU A 274 -14.93 -7.26 0.92
N GLU A 275 -14.18 -6.40 1.63
CA GLU A 275 -13.47 -6.77 2.86
C GLU A 275 -14.46 -7.19 3.93
N THR A 276 -15.59 -6.44 4.05
CA THR A 276 -16.67 -6.71 5.01
C THR A 276 -17.29 -8.07 4.69
N LEU A 277 -17.64 -8.30 3.42
CA LEU A 277 -18.29 -9.53 2.95
C LEU A 277 -17.44 -10.80 3.03
N TRP A 278 -16.10 -10.69 2.82
CA TRP A 278 -15.27 -11.90 2.77
C TRP A 278 -14.22 -12.04 3.83
N LEU A 279 -13.64 -10.94 4.32
CA LEU A 279 -12.46 -11.02 5.19
C LEU A 279 -12.63 -10.87 6.71
N THR A 280 -13.63 -10.08 7.15
CA THR A 280 -13.88 -9.81 8.58
C THR A 280 -14.32 -11.08 9.29
N GLY A 281 -13.79 -11.31 10.49
CA GLY A 281 -14.09 -12.47 11.31
C GLY A 281 -14.64 -12.13 12.68
N ILE A 282 -14.91 -13.18 13.49
CA ILE A 282 -15.44 -13.10 14.86
C ILE A 282 -14.41 -12.52 15.83
N CYS A 283 -13.19 -13.11 15.86
CA CYS A 283 -12.09 -12.74 16.76
C CYS A 283 -11.49 -11.37 16.47
N MET B 3 23.69 22.22 -19.36
CA MET B 3 24.10 20.86 -19.75
C MET B 3 23.43 19.78 -18.90
N SER B 4 23.05 20.14 -17.67
CA SER B 4 22.41 19.32 -16.63
C SER B 4 21.39 18.27 -17.10
N THR B 5 21.50 17.07 -16.52
CA THR B 5 20.62 15.90 -16.69
C THR B 5 20.13 15.54 -15.28
N ARG B 6 20.26 16.51 -14.34
CA ARG B 6 19.84 16.42 -12.94
C ARG B 6 18.31 16.46 -12.90
N LEU B 7 17.71 15.57 -12.10
CA LEU B 7 16.26 15.47 -11.94
C LEU B 7 15.77 16.58 -11.04
N LYS B 8 14.73 17.31 -11.52
CA LYS B 8 14.11 18.35 -10.70
C LYS B 8 13.08 17.63 -9.84
N ILE B 9 13.33 17.63 -8.54
CA ILE B 9 12.46 16.99 -7.58
C ILE B 9 11.59 18.03 -6.94
N VAL B 10 10.26 17.82 -6.94
CA VAL B 10 9.36 18.73 -6.23
C VAL B 10 8.85 18.08 -4.95
N THR B 11 8.87 18.84 -3.86
CA THR B 11 8.36 18.35 -2.58
C THR B 11 7.49 19.43 -1.97
N ILE B 12 6.93 19.16 -0.79
CA ILE B 12 6.08 20.08 -0.03
C ILE B 12 6.48 19.95 1.44
N HIS B 13 6.20 20.99 2.23
CA HIS B 13 6.45 20.97 3.66
C HIS B 13 5.36 20.13 4.32
N GLN B 14 5.73 18.97 4.90
CA GLN B 14 4.76 18.08 5.55
C GLN B 14 5.45 17.17 6.56
N GLU B 15 5.50 17.61 7.82
CA GLU B 15 6.11 16.83 8.91
C GLU B 15 5.30 15.55 9.20
N PRO B 16 5.91 14.38 9.46
CA PRO B 16 7.36 14.09 9.56
C PRO B 16 8.01 13.62 8.26
N PHE B 17 7.29 13.71 7.13
CA PHE B 17 7.81 13.29 5.82
C PHE B 17 8.82 14.29 5.28
N VAL B 18 8.52 15.61 5.42
CA VAL B 18 9.39 16.68 4.91
C VAL B 18 9.38 17.80 5.92
N TYR B 19 10.53 18.06 6.51
CA TYR B 19 10.77 19.16 7.44
C TYR B 19 11.41 20.23 6.61
N VAL B 20 11.06 21.48 6.89
CA VAL B 20 11.63 22.61 6.15
C VAL B 20 12.13 23.59 7.18
N LYS B 21 13.43 23.91 7.11
CA LYS B 21 14.06 24.80 8.09
C LYS B 21 14.96 25.80 7.39
N PRO B 22 15.29 26.97 7.99
CA PRO B 22 16.20 27.90 7.29
C PRO B 22 17.63 27.38 7.31
N THR B 23 18.42 27.75 6.28
CA THR B 23 19.84 27.39 6.21
C THR B 23 20.56 28.27 7.26
N LEU B 24 21.82 27.99 7.56
CA LEU B 24 22.59 28.81 8.49
C LEU B 24 23.04 30.07 7.72
N SER B 25 23.60 31.07 8.43
CA SER B 25 24.10 32.31 7.81
C SER B 25 25.07 32.04 6.64
N ASP B 26 25.78 30.88 6.64
CA ASP B 26 26.71 30.52 5.56
C ASP B 26 26.05 29.71 4.38
N GLY B 27 24.77 29.37 4.49
CA GLY B 27 24.06 28.63 3.46
C GLY B 27 24.08 27.12 3.56
N THR B 28 24.62 26.58 4.67
CA THR B 28 24.67 25.14 4.92
C THR B 28 23.54 24.81 5.90
N CYS B 29 23.38 23.52 6.24
CA CYS B 29 22.35 23.06 7.17
C CYS B 29 22.94 22.65 8.50
N LYS B 30 22.23 23.01 9.59
CA LYS B 30 22.59 22.69 10.96
C LYS B 30 22.80 21.18 11.06
N GLU B 31 23.99 20.77 11.51
CA GLU B 31 24.33 19.35 11.67
C GLU B 31 23.58 18.80 12.87
N GLU B 32 22.73 17.82 12.61
CA GLU B 32 21.91 17.19 13.62
C GLU B 32 22.05 15.68 13.57
N PHE B 33 21.61 15.02 14.63
CA PHE B 33 21.72 13.58 14.79
C PHE B 33 20.46 13.02 15.38
N THR B 34 20.21 11.74 15.09
CA THR B 34 19.11 10.99 15.68
C THR B 34 19.60 10.65 17.14
N VAL B 35 18.75 9.99 17.94
CA VAL B 35 19.13 9.57 19.31
C VAL B 35 20.26 8.49 19.26
N ASN B 36 20.23 7.63 18.20
CA ASN B 36 21.19 6.58 17.88
C ASN B 36 22.62 7.13 17.69
N GLY B 37 22.73 8.40 17.29
CA GLY B 37 23.98 9.07 17.00
C GLY B 37 24.20 9.13 15.51
N ASP B 38 23.22 8.63 14.73
CA ASP B 38 23.24 8.63 13.26
C ASP B 38 22.96 10.05 12.73
N PRO B 39 23.78 10.53 11.76
CA PRO B 39 23.58 11.89 11.23
C PRO B 39 22.29 12.01 10.42
N VAL B 40 21.51 13.07 10.67
CA VAL B 40 20.28 13.38 9.95
C VAL B 40 20.71 13.85 8.55
N LYS B 41 20.30 13.13 7.49
CA LYS B 41 20.68 13.51 6.13
C LYS B 41 19.83 14.72 5.72
N LYS B 42 20.46 15.76 5.20
CA LYS B 42 19.74 16.97 4.82
C LYS B 42 20.05 17.37 3.40
N VAL B 43 19.10 18.06 2.75
CA VAL B 43 19.31 18.57 1.40
C VAL B 43 18.93 20.02 1.34
N ILE B 44 19.55 20.75 0.39
CA ILE B 44 19.23 22.13 0.09
C ILE B 44 18.01 22.04 -0.82
N CYS B 45 16.91 22.70 -0.41
CA CYS B 45 15.67 22.81 -1.17
C CYS B 45 15.30 24.28 -1.33
N THR B 46 15.32 24.78 -2.57
CA THR B 46 14.95 26.17 -2.88
C THR B 46 13.42 26.27 -2.80
N GLY B 47 12.91 27.37 -2.27
CA GLY B 47 11.47 27.57 -2.15
C GLY B 47 11.05 28.96 -1.69
N PRO B 48 9.78 29.35 -1.93
CA PRO B 48 9.34 30.67 -1.50
C PRO B 48 9.29 30.89 0.01
N ASN B 49 9.80 32.05 0.47
CA ASN B 49 9.82 32.44 1.89
C ASN B 49 8.52 33.19 2.27
N ASP B 50 7.76 33.66 1.27
CA ASP B 50 6.47 34.32 1.44
C ASP B 50 5.36 33.31 1.07
N THR B 51 4.78 32.68 2.11
CA THR B 51 3.71 31.66 1.98
C THR B 51 2.35 32.25 1.56
N SER B 52 2.14 33.56 1.79
CA SER B 52 0.91 34.32 1.52
C SER B 52 0.32 34.12 0.09
N PRO B 53 -1.03 33.95 -0.04
CA PRO B 53 -1.62 33.70 -1.38
C PRO B 53 -1.85 34.95 -2.24
N GLY B 54 -1.62 34.79 -3.54
CA GLY B 54 -1.73 35.86 -4.53
C GLY B 54 -0.66 36.91 -4.34
N SER B 55 0.46 36.53 -3.70
CA SER B 55 1.60 37.38 -3.37
C SER B 55 2.89 36.94 -4.13
N PRO B 56 3.88 37.86 -4.33
CA PRO B 56 5.13 37.46 -4.99
C PRO B 56 5.91 36.39 -4.20
N ARG B 57 6.41 35.39 -4.92
CA ARG B 57 7.17 34.28 -4.36
C ARG B 57 8.68 34.48 -4.61
N HIS B 58 9.42 34.83 -3.53
CA HIS B 58 10.88 35.00 -3.59
CA HIS B 58 10.88 35.02 -3.56
C HIS B 58 11.54 33.69 -3.17
N THR B 59 12.21 33.04 -4.12
CA THR B 59 12.89 31.76 -3.94
C THR B 59 14.20 31.91 -3.15
N VAL B 60 14.30 31.17 -2.03
CA VAL B 60 15.50 31.12 -1.18
C VAL B 60 15.92 29.67 -0.89
N PRO B 61 17.25 29.39 -0.75
CA PRO B 61 17.65 28.04 -0.33
C PRO B 61 17.23 27.82 1.13
N GLN B 62 16.65 26.62 1.40
CA GLN B 62 16.17 26.19 2.72
C GLN B 62 16.69 24.77 2.95
N CYS B 63 16.54 24.22 4.16
CA CYS B 63 16.97 22.86 4.48
C CYS B 63 15.80 21.92 4.52
N CYS B 64 15.94 20.76 3.86
CA CYS B 64 14.91 19.73 3.81
C CYS B 64 15.44 18.40 4.34
N TYR B 65 14.64 17.69 5.14
CA TYR B 65 14.95 16.36 5.67
C TYR B 65 13.67 15.68 6.10
N GLY B 66 13.73 14.38 6.29
CA GLY B 66 12.58 13.62 6.76
C GLY B 66 12.47 12.32 6.04
N PHE B 67 11.38 11.60 6.31
CA PHE B 67 11.09 10.29 5.69
C PHE B 67 11.25 10.39 4.17
N CYS B 68 10.61 11.40 3.51
CA CYS B 68 10.64 11.53 2.04
C CYS B 68 12.00 11.93 1.49
N ILE B 69 12.80 12.68 2.25
CA ILE B 69 14.13 13.06 1.82
C ILE B 69 15.07 11.86 1.91
N ASP B 70 14.95 11.09 3.00
CA ASP B 70 15.71 9.84 3.19
C ASP B 70 15.34 8.89 2.08
N LEU B 71 14.03 8.84 1.70
CA LEU B 71 13.62 7.99 0.59
C LEU B 71 14.24 8.49 -0.75
N LEU B 72 14.28 9.83 -0.97
CA LEU B 72 14.88 10.37 -2.19
C LEU B 72 16.35 9.95 -2.32
N ILE B 73 17.15 10.15 -1.26
CA ILE B 73 18.57 9.79 -1.20
C ILE B 73 18.77 8.31 -1.56
N LYS B 74 17.98 7.41 -0.94
CA LYS B 74 18.06 5.96 -1.24
C LYS B 74 17.71 5.68 -2.72
N LEU B 75 16.63 6.34 -3.23
CA LEU B 75 16.23 6.17 -4.63
C LEU B 75 17.35 6.63 -5.56
N ALA B 76 17.94 7.82 -5.31
CA ALA B 76 19.04 8.35 -6.10
C ALA B 76 20.28 7.41 -6.06
N ARG B 77 20.60 6.84 -4.87
CA ARG B 77 21.73 5.91 -4.72
C ARG B 77 21.52 4.60 -5.49
N THR B 78 20.34 3.99 -5.39
CA THR B 78 19.97 2.74 -6.06
C THR B 78 20.03 2.85 -7.60
N MET B 79 19.36 3.88 -8.16
CA MET B 79 19.21 4.14 -9.59
C MET B 79 20.31 4.93 -10.26
N ASN B 80 21.21 5.52 -9.46
CA ASN B 80 22.37 6.29 -9.92
C ASN B 80 21.94 7.56 -10.70
N PHE B 81 21.10 8.39 -10.06
CA PHE B 81 20.70 9.66 -10.64
C PHE B 81 21.09 10.81 -9.73
N THR B 82 21.17 12.03 -10.28
CA THR B 82 21.46 13.25 -9.50
C THR B 82 20.21 14.10 -9.52
N TYR B 83 20.09 15.01 -8.56
CA TYR B 83 18.87 15.76 -8.42
C TYR B 83 19.10 17.10 -7.78
N GLU B 84 18.05 17.90 -7.78
CA GLU B 84 17.93 19.16 -7.07
C GLU B 84 16.47 19.25 -6.66
N VAL B 85 16.25 19.62 -5.39
CA VAL B 85 14.95 19.69 -4.73
C VAL B 85 14.49 21.10 -4.64
N HIS B 86 13.20 21.33 -4.89
CA HIS B 86 12.57 22.62 -4.65
C HIS B 86 11.23 22.34 -4.05
N LEU B 87 10.72 23.28 -3.25
CA LEU B 87 9.40 23.19 -2.64
C LEU B 87 8.37 23.75 -3.63
N VAL B 88 7.19 23.10 -3.72
CA VAL B 88 6.13 23.53 -4.66
C VAL B 88 5.82 25.04 -4.48
N ALA B 89 6.04 25.81 -5.57
CA ALA B 89 5.86 27.28 -5.61
C ALA B 89 4.54 27.75 -5.02
N ASP B 90 3.43 27.02 -5.25
CA ASP B 90 2.13 27.43 -4.69
C ASP B 90 1.77 26.75 -3.35
N GLY B 91 2.67 25.91 -2.82
CA GLY B 91 2.45 25.23 -1.53
C GLY B 91 1.33 24.19 -1.50
N LYS B 92 0.93 23.66 -2.67
CA LYS B 92 -0.18 22.70 -2.74
C LYS B 92 0.19 21.30 -3.28
N PHE B 93 -0.57 20.28 -2.84
CA PHE B 93 -0.44 18.89 -3.29
C PHE B 93 -0.89 18.79 -4.73
N GLY B 94 -2.11 19.25 -5.01
CA GLY B 94 -2.59 19.26 -6.38
C GLY B 94 -3.96 18.70 -6.68
N THR B 95 -4.82 19.55 -7.30
CA THR B 95 -6.17 19.22 -7.80
C THR B 95 -6.32 19.73 -9.23
N GLN B 96 -7.31 19.18 -9.96
CA GLN B 96 -7.64 19.63 -11.29
C GLN B 96 -8.88 20.52 -11.15
N GLU B 97 -8.73 21.83 -11.48
CA GLU B 97 -9.84 22.77 -11.39
CA GLU B 97 -9.81 22.83 -11.39
C GLU B 97 -10.19 23.32 -12.77
N ARG B 98 -11.42 23.82 -12.94
CA ARG B 98 -11.83 24.40 -14.22
C ARG B 98 -11.33 25.85 -14.22
N VAL B 99 -10.77 26.31 -15.34
CA VAL B 99 -10.23 27.67 -15.51
C VAL B 99 -11.34 28.74 -15.42
N ASN B 103 -13.85 26.90 -19.29
CA ASN B 103 -13.99 25.79 -20.23
C ASN B 103 -12.94 24.65 -20.03
N LYS B 104 -11.64 25.01 -19.94
CA LYS B 104 -10.50 24.10 -19.77
C LYS B 104 -10.25 23.70 -18.29
N LYS B 105 -9.55 22.57 -18.10
CA LYS B 105 -9.20 22.06 -16.76
C LYS B 105 -7.67 22.15 -16.54
N GLU B 106 -7.26 22.64 -15.36
CA GLU B 106 -5.84 22.74 -15.05
C GLU B 106 -5.47 22.09 -13.74
N TRP B 107 -4.27 21.48 -13.67
CA TRP B 107 -3.73 20.89 -12.44
C TRP B 107 -2.88 21.94 -11.74
N ASN B 108 -3.12 22.11 -10.46
CA ASN B 108 -2.31 23.02 -9.67
C ASN B 108 -1.34 22.14 -8.78
N GLY B 109 -0.67 22.80 -7.84
CA GLY B 109 0.22 22.17 -6.88
C GLY B 109 1.38 21.45 -7.49
N MET B 110 1.81 20.34 -6.85
CA MET B 110 2.94 19.51 -7.34
C MET B 110 2.54 18.79 -8.60
N MET B 111 1.25 18.51 -8.77
CA MET B 111 0.68 17.91 -9.98
C MET B 111 0.91 18.82 -11.18
N GLY B 112 0.55 20.09 -11.06
CA GLY B 112 0.74 21.06 -12.16
C GLY B 112 2.20 21.19 -12.52
N GLU B 113 3.05 21.31 -11.49
CA GLU B 113 4.50 21.41 -11.65
C GLU B 113 5.08 20.22 -12.39
N LEU B 114 4.66 18.99 -12.03
CA LEU B 114 5.17 17.81 -12.69
C LEU B 114 4.73 17.77 -14.17
N LEU B 115 3.44 18.00 -14.44
CA LEU B 115 2.89 18.01 -15.80
C LEU B 115 3.50 19.13 -16.70
N SER B 116 3.78 20.30 -16.11
CA SER B 116 4.36 21.42 -16.86
C SER B 116 5.86 21.25 -17.14
N GLY B 117 6.51 20.28 -16.50
CA GLY B 117 7.95 20.07 -16.68
C GLY B 117 8.83 20.83 -15.70
N GLN B 118 8.22 21.63 -14.80
CA GLN B 118 8.92 22.36 -13.72
C GLN B 118 9.55 21.32 -12.73
N ALA B 119 9.05 20.07 -12.73
CA ALA B 119 9.52 18.95 -11.92
C ALA B 119 9.58 17.72 -12.82
N ASP B 120 10.52 16.81 -12.52
CA ASP B 120 10.66 15.52 -13.19
C ASP B 120 10.12 14.42 -12.28
N MET B 121 9.98 14.73 -10.98
CA MET B 121 9.54 13.76 -9.99
C MET B 121 8.98 14.42 -8.76
N ILE B 122 7.87 13.90 -8.25
CA ILE B 122 7.25 14.36 -7.00
C ILE B 122 7.67 13.35 -5.91
N VAL B 123 8.36 13.83 -4.87
CA VAL B 123 8.80 12.99 -3.73
C VAL B 123 8.21 13.64 -2.52
N ALA B 124 7.09 13.12 -2.07
CA ALA B 124 6.30 13.73 -1.01
C ALA B 124 5.23 12.74 -0.55
N PRO B 125 4.52 13.00 0.58
CA PRO B 125 3.37 12.13 0.95
C PRO B 125 2.17 12.44 0.00
N LEU B 126 2.28 12.00 -1.26
CA LEU B 126 1.32 12.26 -2.33
C LEU B 126 0.36 11.08 -2.45
N THR B 127 -0.92 11.32 -2.16
CA THR B 127 -1.94 10.29 -2.25
C THR B 127 -2.12 9.80 -3.66
N ILE B 128 -2.16 8.47 -3.81
CA ILE B 128 -2.43 7.79 -5.07
C ILE B 128 -3.95 7.75 -5.19
N ASN B 129 -4.47 8.27 -6.28
CA ASN B 129 -5.90 8.23 -6.54
C ASN B 129 -6.15 8.17 -8.02
N ASN B 130 -7.40 7.86 -8.42
CA ASN B 130 -7.80 7.71 -9.82
C ASN B 130 -7.60 9.00 -10.64
N GLU B 131 -8.07 10.11 -10.08
CA GLU B 131 -8.01 11.44 -10.72
C GLU B 131 -6.60 11.77 -11.17
N ARG B 132 -5.61 11.68 -10.25
CA ARG B 132 -4.22 11.97 -10.61
C ARG B 132 -3.62 10.86 -11.47
N ALA B 133 -3.99 9.57 -11.21
CA ALA B 133 -3.45 8.45 -11.99
C ALA B 133 -3.86 8.51 -13.48
N GLN B 134 -4.89 9.29 -13.81
CA GLN B 134 -5.30 9.51 -15.21
C GLN B 134 -4.22 10.32 -15.95
N TYR B 135 -3.46 11.18 -15.21
CA TYR B 135 -2.45 12.06 -15.84
C TYR B 135 -1.01 11.69 -15.57
N ILE B 136 -0.72 11.09 -14.42
CA ILE B 136 0.66 10.75 -14.06
C ILE B 136 0.83 9.30 -13.69
N GLU B 137 2.09 8.86 -13.69
CA GLU B 137 2.45 7.54 -13.22
C GLU B 137 2.78 7.64 -11.73
N PHE B 138 2.20 6.74 -10.96
CA PHE B 138 2.51 6.62 -9.53
C PHE B 138 3.34 5.37 -9.37
N SER B 139 4.29 5.39 -8.46
CA SER B 139 5.05 4.21 -8.14
C SER B 139 4.19 3.27 -7.29
N LYS B 140 4.73 2.09 -6.94
CA LYS B 140 4.11 1.20 -5.99
C LYS B 140 4.19 1.98 -4.67
N PRO B 141 3.16 1.92 -3.80
CA PRO B 141 3.19 2.76 -2.60
C PRO B 141 4.38 2.60 -1.66
N PHE B 142 4.83 3.69 -1.06
CA PHE B 142 5.91 3.60 -0.07
C PHE B 142 5.27 3.60 1.33
N LYS B 143 3.99 4.03 1.44
CA LYS B 143 3.26 4.06 2.72
C LYS B 143 1.77 3.88 2.50
N TYR B 144 1.13 3.07 3.36
CA TYR B 144 -0.29 2.80 3.33
C TYR B 144 -0.85 3.35 4.62
N GLN B 145 -1.86 4.19 4.49
CA GLN B 145 -2.45 4.85 5.65
C GLN B 145 -3.91 5.21 5.34
N GLY B 146 -4.44 6.23 5.98
CA GLY B 146 -5.82 6.62 5.74
C GLY B 146 -6.15 7.99 6.26
N LEU B 147 -7.44 8.31 6.27
CA LEU B 147 -7.95 9.59 6.78
C LEU B 147 -8.52 9.43 8.18
N THR B 148 -8.16 10.35 9.07
CA THR B 148 -8.64 10.39 10.45
C THR B 148 -8.97 11.87 10.80
N ILE B 149 -9.44 12.13 12.03
CA ILE B 149 -9.86 13.47 12.47
C ILE B 149 -9.06 13.93 13.67
N LEU B 150 -8.47 15.14 13.61
CA LEU B 150 -7.71 15.73 14.71
C LEU B 150 -8.58 16.78 15.41
N VAL B 151 -8.76 16.62 16.72
CA VAL B 151 -9.53 17.51 17.62
C VAL B 151 -8.70 17.88 18.85
N LYS B 152 -9.08 18.99 19.55
CA LYS B 152 -8.43 19.41 20.80
C LYS B 152 -8.82 18.41 21.90
N LYS B 153 -7.90 18.12 22.85
CA LYS B 153 -8.17 17.15 23.92
C LYS B 153 -9.36 17.56 24.80
N GLY B 154 -10.45 16.81 24.69
CA GLY B 154 -11.70 17.07 25.40
C GLY B 154 -12.91 17.12 24.49
N THR B 155 -12.68 17.22 23.15
CA THR B 155 -13.73 17.25 22.14
C THR B 155 -14.15 15.80 21.87
N ARG B 156 -15.36 15.42 22.32
CA ARG B 156 -15.87 14.06 22.16
C ARG B 156 -16.62 13.90 20.84
N ILE B 157 -16.07 13.04 19.94
CA ILE B 157 -16.63 12.73 18.62
C ILE B 157 -16.46 11.25 18.32
N THR B 158 -17.50 10.61 17.74
CA THR B 158 -17.45 9.19 17.38
C THR B 158 -16.56 8.96 16.15
N GLY B 159 -16.64 9.86 15.16
CA GLY B 159 -15.86 9.79 13.93
C GLY B 159 -16.55 10.42 12.73
N ILE B 160 -16.42 9.80 11.55
CA ILE B 160 -17.00 10.24 10.26
C ILE B 160 -18.56 10.16 10.26
N ASN B 161 -19.13 9.40 11.21
CA ASN B 161 -20.58 9.22 11.32
C ASN B 161 -21.17 9.93 12.56
N ASP B 162 -20.44 10.92 13.11
CA ASP B 162 -20.88 11.73 14.25
C ASP B 162 -21.92 12.76 13.77
N PRO B 163 -23.03 13.01 14.53
CA PRO B 163 -24.03 13.98 14.06
C PRO B 163 -23.50 15.39 13.81
N ARG B 164 -22.41 15.79 14.51
CA ARG B 164 -21.79 17.11 14.36
C ARG B 164 -21.09 17.30 13.00
N LEU B 165 -20.84 16.20 12.26
CA LEU B 165 -20.21 16.24 10.93
C LEU B 165 -21.21 16.02 9.79
N ARG B 166 -22.06 14.97 9.91
CA ARG B 166 -23.08 14.62 8.91
C ARG B 166 -24.23 15.63 8.82
N ASN B 167 -24.50 16.36 9.92
CA ASN B 167 -25.49 17.45 10.00
C ASN B 167 -24.72 18.75 10.36
N PRO B 168 -23.99 19.37 9.38
CA PRO B 168 -23.19 20.56 9.70
C PRO B 168 -23.98 21.78 10.17
N SER B 169 -23.28 22.64 10.94
CA SER B 169 -23.77 23.88 11.52
C SER B 169 -22.60 24.81 11.85
N ASP B 170 -22.84 26.14 11.80
CA ASP B 170 -21.85 27.20 12.06
C ASP B 170 -21.20 27.18 13.47
N LYS B 171 -21.79 26.38 14.39
CA LYS B 171 -21.31 26.21 15.77
C LYS B 171 -20.03 25.38 15.81
N PHE B 172 -20.03 24.20 15.13
CA PHE B 172 -18.90 23.28 15.04
C PHE B 172 -18.23 23.37 13.65
N ILE B 173 -17.00 23.89 13.61
CA ILE B 173 -16.25 24.06 12.35
C ILE B 173 -15.17 22.96 12.14
N TYR B 174 -15.37 22.17 11.07
CA TYR B 174 -14.46 21.12 10.63
C TYR B 174 -14.02 21.40 9.19
N ALA B 175 -12.73 21.14 8.87
CA ALA B 175 -12.16 21.41 7.54
C ALA B 175 -11.02 20.43 7.14
N THR B 176 -10.34 20.74 6.02
CA THR B 176 -9.19 20.03 5.48
C THR B 176 -8.28 21.02 4.76
N VAL B 177 -7.34 20.54 3.94
CA VAL B 177 -6.43 21.39 3.19
C VAL B 177 -7.00 21.57 1.77
N LYS B 178 -6.99 22.81 1.27
CA LYS B 178 -7.42 23.20 -0.07
C LYS B 178 -6.51 22.53 -1.09
N GLN B 179 -7.07 22.14 -2.24
CA GLN B 179 -6.34 21.57 -3.38
C GLN B 179 -5.46 20.36 -2.98
N SER B 180 -6.04 19.51 -2.12
CA SER B 180 -5.47 18.26 -1.63
C SER B 180 -6.37 17.09 -2.06
N SER B 181 -5.89 15.84 -1.86
CA SER B 181 -6.63 14.62 -2.18
C SER B 181 -7.81 14.46 -1.27
N VAL B 182 -7.74 15.05 -0.07
CA VAL B 182 -8.87 14.97 0.87
C VAL B 182 -10.02 15.79 0.28
N ASP B 183 -9.68 16.98 -0.26
CA ASP B 183 -10.63 17.85 -0.94
C ASP B 183 -11.27 17.11 -2.15
N ILE B 184 -10.45 16.43 -2.96
CA ILE B 184 -10.86 15.61 -4.12
C ILE B 184 -11.89 14.56 -3.66
N TYR B 185 -11.59 13.85 -2.55
CA TYR B 185 -12.41 12.78 -1.98
C TYR B 185 -13.83 13.27 -1.56
N PHE B 186 -13.92 14.39 -0.81
CA PHE B 186 -15.20 14.96 -0.37
C PHE B 186 -16.03 15.53 -1.53
N ARG B 187 -15.36 15.94 -2.64
CA ARG B 187 -16.00 16.46 -3.84
C ARG B 187 -16.58 15.32 -4.70
N ARG B 188 -15.80 14.24 -4.93
CA ARG B 188 -16.18 13.08 -5.74
C ARG B 188 -17.35 12.27 -5.15
N GLN B 189 -17.29 11.98 -3.86
CA GLN B 189 -18.28 11.18 -3.16
C GLN B 189 -19.57 11.98 -2.87
N VAL B 190 -20.69 11.56 -3.48
CA VAL B 190 -22.01 12.20 -3.32
C VAL B 190 -22.54 12.00 -1.89
N GLU B 191 -22.21 10.87 -1.27
CA GLU B 191 -22.61 10.54 0.10
C GLU B 191 -21.97 11.50 1.15
N LEU B 192 -20.99 12.35 0.70
CA LEU B 192 -20.26 13.32 1.53
C LEU B 192 -20.41 14.79 1.06
N SER B 193 -21.35 15.05 0.13
CA SER B 193 -21.61 16.40 -0.42
C SER B 193 -21.99 17.44 0.66
N THR B 194 -22.81 17.04 1.65
CA THR B 194 -23.24 17.92 2.74
C THR B 194 -22.05 18.31 3.64
N MET B 195 -21.03 17.40 3.76
CA MET B 195 -19.80 17.65 4.51
C MET B 195 -18.85 18.54 3.69
N TYR B 196 -18.72 18.26 2.36
CA TYR B 196 -17.90 19.04 1.44
C TYR B 196 -18.34 20.51 1.44
N ARG B 197 -19.66 20.74 1.31
CA ARG B 197 -20.30 22.06 1.31
C ARG B 197 -19.94 22.90 2.53
N HIS B 198 -19.83 22.27 3.71
CA HIS B 198 -19.41 22.96 4.94
C HIS B 198 -17.92 23.28 4.86
N MET B 199 -17.08 22.25 4.52
CA MET B 199 -15.62 22.30 4.42
C MET B 199 -15.08 23.35 3.46
N GLU B 200 -15.64 23.45 2.22
CA GLU B 200 -15.22 24.43 1.21
C GLU B 200 -15.11 25.87 1.73
N LYS B 201 -15.90 26.19 2.78
CA LYS B 201 -15.95 27.49 3.45
C LYS B 201 -14.77 27.71 4.44
N HIS B 202 -14.27 26.62 5.06
CA HIS B 202 -13.26 26.68 6.11
C HIS B 202 -11.89 25.99 5.81
N ASN B 203 -11.70 25.41 4.61
CA ASN B 203 -10.47 24.73 4.21
C ASN B 203 -9.23 25.64 4.25
N TYR B 204 -8.12 25.15 4.87
CA TYR B 204 -6.85 25.88 5.01
C TYR B 204 -5.87 25.71 3.83
N GLU B 205 -4.91 26.62 3.75
CA GLU B 205 -3.87 26.64 2.72
C GLU B 205 -2.83 25.53 2.93
N SER B 206 -2.67 25.07 4.18
CA SER B 206 -1.68 24.06 4.55
C SER B 206 -2.09 23.27 5.79
N ALA B 207 -1.54 22.05 5.94
CA ALA B 207 -1.80 21.20 7.10
C ALA B 207 -1.34 21.90 8.38
N ALA B 208 -0.10 22.47 8.38
CA ALA B 208 0.46 23.22 9.51
C ALA B 208 -0.51 24.27 10.04
N GLU B 209 -1.08 25.12 9.14
CA GLU B 209 -2.04 26.18 9.49
C GLU B 209 -3.30 25.58 10.10
N ALA B 210 -3.83 24.49 9.52
CA ALA B 210 -5.02 23.84 10.06
C ALA B 210 -4.77 23.23 11.45
N ILE B 211 -3.62 22.54 11.65
CA ILE B 211 -3.25 21.92 12.94
C ILE B 211 -3.17 23.00 14.04
N GLN B 212 -2.46 24.13 13.75
CA GLN B 212 -2.29 25.30 14.60
C GLN B 212 -3.65 25.96 14.96
N ALA B 213 -4.63 25.92 14.03
CA ALA B 213 -5.97 26.44 14.23
C ALA B 213 -6.79 25.55 15.18
N VAL B 214 -6.43 24.24 15.28
CA VAL B 214 -7.08 23.29 16.20
C VAL B 214 -6.51 23.55 17.59
N ARG B 215 -5.26 24.04 17.65
CA ARG B 215 -4.58 24.40 18.89
C ARG B 215 -5.15 25.73 19.41
N ASP B 216 -5.45 26.67 18.49
CA ASP B 216 -5.98 28.00 18.78
C ASP B 216 -7.51 28.09 18.88
N ASN B 217 -8.20 26.93 19.13
CA ASN B 217 -9.66 26.78 19.26
CA ASN B 217 -9.66 26.79 19.28
C ASN B 217 -10.45 27.40 18.09
N LYS B 218 -9.74 27.76 16.99
CA LYS B 218 -10.30 28.37 15.79
C LYS B 218 -10.95 27.34 14.84
N LEU B 219 -10.35 26.13 14.76
CA LEU B 219 -10.87 25.00 13.99
C LEU B 219 -11.16 23.87 15.00
N HIS B 220 -12.38 23.34 15.00
CA HIS B 220 -12.74 22.30 15.95
C HIS B 220 -12.25 20.92 15.56
N ALA B 221 -12.37 20.54 14.26
CA ALA B 221 -11.93 19.25 13.72
C ALA B 221 -11.19 19.35 12.37
N PHE B 222 -10.02 18.69 12.27
CA PHE B 222 -9.21 18.65 11.05
C PHE B 222 -9.24 17.24 10.45
N ILE B 223 -9.68 17.13 9.18
CA ILE B 223 -9.79 15.86 8.45
C ILE B 223 -8.56 15.78 7.57
N TRP B 224 -7.66 14.82 7.88
CA TRP B 224 -6.38 14.71 7.19
C TRP B 224 -5.78 13.31 7.31
N ASP B 225 -4.63 13.10 6.65
CA ASP B 225 -3.86 11.88 6.61
C ASP B 225 -3.45 11.44 8.03
N SER B 226 -3.75 10.18 8.38
CA SER B 226 -3.44 9.56 9.68
C SER B 226 -1.96 9.48 9.98
N ALA B 227 -1.09 9.34 8.95
CA ALA B 227 0.37 9.28 9.14
C ALA B 227 0.85 10.61 9.71
N VAL B 228 0.28 11.74 9.22
CA VAL B 228 0.55 13.11 9.69
C VAL B 228 -0.17 13.32 11.01
N LEU B 229 -1.51 13.10 11.06
CA LEU B 229 -2.31 13.38 12.26
C LEU B 229 -1.85 12.57 13.49
N GLU B 230 -1.56 11.25 13.34
CA GLU B 230 -1.10 10.41 14.45
C GLU B 230 0.24 10.86 14.95
N PHE B 231 1.12 11.35 14.05
CA PHE B 231 2.44 11.90 14.41
C PHE B 231 2.26 13.19 15.19
N GLU B 232 1.33 14.05 14.74
CA GLU B 232 1.06 15.32 15.41
C GLU B 232 0.51 15.11 16.80
N ALA B 233 -0.38 14.12 16.97
CA ALA B 233 -1.00 13.76 18.25
C ALA B 233 0.01 13.23 19.27
N SER B 234 1.03 12.47 18.81
CA SER B 234 2.08 11.88 19.64
C SER B 234 3.05 12.93 20.18
N GLN B 235 3.15 14.08 19.50
CA GLN B 235 4.05 15.16 19.89
C GLN B 235 3.28 16.17 20.75
N LYS B 236 2.30 16.85 20.14
CA LYS B 236 1.43 17.84 20.78
C LYS B 236 0.36 17.07 21.56
N CYS B 237 0.59 16.88 22.87
CA CYS B 237 -0.28 16.11 23.77
C CYS B 237 -1.67 16.73 23.98
N ASP B 238 -1.82 18.03 23.67
CA ASP B 238 -3.06 18.81 23.75
C ASP B 238 -4.03 18.48 22.59
N LEU B 239 -3.55 17.76 21.56
CA LEU B 239 -4.31 17.31 20.38
C LEU B 239 -4.36 15.77 20.33
N VAL B 240 -5.50 15.23 19.92
CA VAL B 240 -5.75 13.78 19.83
C VAL B 240 -6.46 13.49 18.50
N THR B 241 -6.26 12.28 17.95
CA THR B 241 -6.98 11.82 16.76
C THR B 241 -8.18 11.01 17.23
N THR B 242 -9.34 11.27 16.62
CA THR B 242 -10.60 10.62 16.98
C THR B 242 -11.13 9.73 15.88
N GLY B 243 -11.73 8.63 16.31
CA GLY B 243 -12.32 7.63 15.43
C GLY B 243 -11.29 6.70 14.84
N GLU B 244 -11.75 5.79 13.98
CA GLU B 244 -10.90 4.84 13.31
C GLU B 244 -10.70 5.48 11.91
N LEU B 245 -10.26 4.69 10.90
CA LEU B 245 -9.80 5.19 9.61
C LEU B 245 -10.83 4.99 8.57
N PHE B 246 -11.01 6.01 7.73
CA PHE B 246 -11.87 5.97 6.55
C PHE B 246 -10.93 6.19 5.36
N PHE B 247 -11.43 6.14 4.10
CA PHE B 247 -10.64 6.25 2.87
C PHE B 247 -9.16 5.86 3.05
N ARG B 248 -8.92 4.55 3.27
CA ARG B 248 -7.57 4.06 3.39
C ARG B 248 -6.95 4.32 2.03
N SER B 249 -5.78 4.93 2.02
CA SER B 249 -5.07 5.28 0.78
C SER B 249 -3.57 5.21 0.98
N GLY B 250 -2.85 5.08 -0.12
CA GLY B 250 -1.40 5.01 -0.12
C GLY B 250 -0.72 6.25 -0.71
N PHE B 251 0.55 6.42 -0.33
CA PHE B 251 1.44 7.47 -0.84
C PHE B 251 2.41 6.84 -1.83
N GLY B 252 2.62 7.53 -2.93
CA GLY B 252 3.56 7.07 -3.96
C GLY B 252 4.35 8.21 -4.53
N ILE B 253 5.40 7.87 -5.28
CA ILE B 253 6.26 8.80 -6.01
C ILE B 253 5.52 9.13 -7.34
N GLY B 254 5.50 10.41 -7.70
CA GLY B 254 4.87 10.87 -8.93
C GLY B 254 5.86 11.14 -10.03
N MET B 255 5.60 10.61 -11.22
CA MET B 255 6.42 10.81 -12.43
C MET B 255 5.48 10.99 -13.63
N ARG B 256 5.98 11.60 -14.74
CA ARG B 256 5.24 11.69 -15.99
C ARG B 256 5.16 10.29 -16.59
N LYS B 257 4.08 10.00 -17.34
CA LYS B 257 3.87 8.68 -17.94
C LYS B 257 5.00 8.21 -18.88
N ASP B 258 5.77 9.13 -19.45
CA ASP B 258 6.88 8.76 -20.34
C ASP B 258 8.25 8.72 -19.61
N SER B 259 8.25 8.86 -18.26
CA SER B 259 9.49 8.87 -17.48
C SER B 259 10.31 7.59 -17.67
N PRO B 260 11.62 7.67 -17.97
CA PRO B 260 12.40 6.44 -18.18
C PRO B 260 12.78 5.72 -16.87
N TRP B 261 12.60 6.41 -15.72
CA TRP B 261 12.91 5.93 -14.38
C TRP B 261 11.77 5.14 -13.73
N LYS B 262 10.54 5.23 -14.27
CA LYS B 262 9.34 4.65 -13.68
C LYS B 262 9.45 3.19 -13.24
N GLN B 263 9.94 2.28 -14.09
CA GLN B 263 10.09 0.87 -13.71
C GLN B 263 11.08 0.69 -12.55
N ASN B 264 12.23 1.40 -12.63
CA ASN B 264 13.28 1.30 -11.63
C ASN B 264 12.90 1.97 -10.28
N VAL B 265 11.99 2.95 -10.29
CA VAL B 265 11.51 3.57 -9.05
C VAL B 265 10.68 2.53 -8.25
N SER B 266 9.67 1.91 -8.91
CA SER B 266 8.83 0.89 -8.25
C SER B 266 9.63 -0.31 -7.76
N LEU B 267 10.62 -0.78 -8.53
CA LEU B 267 11.48 -1.91 -8.08
C LEU B 267 12.27 -1.58 -6.84
N SER B 268 12.78 -0.34 -6.76
CA SER B 268 13.54 0.18 -5.61
CA SER B 268 13.54 0.16 -5.61
C SER B 268 12.64 0.26 -4.38
N ILE B 269 11.38 0.75 -4.57
CA ILE B 269 10.40 0.83 -3.45
C ILE B 269 10.09 -0.60 -2.94
N LEU B 270 9.84 -1.56 -3.84
CA LEU B 270 9.59 -2.97 -3.50
C LEU B 270 10.77 -3.55 -2.73
N LYS B 271 12.00 -3.31 -3.22
CA LYS B 271 13.23 -3.73 -2.55
C LYS B 271 13.30 -3.17 -1.14
N SER B 272 13.04 -1.87 -0.97
CA SER B 272 13.09 -1.23 0.35
C SER B 272 12.06 -1.76 1.35
N HIS B 273 10.84 -2.12 0.87
CA HIS B 273 9.84 -2.75 1.76
C HIS B 273 10.33 -4.17 2.16
N GLU B 274 10.86 -4.92 1.19
CA GLU B 274 11.26 -6.33 1.41
C GLU B 274 12.49 -6.52 2.30
N ASN B 275 13.42 -5.56 2.34
CA ASN B 275 14.65 -5.65 3.14
C ASN B 275 14.62 -4.88 4.47
N GLY B 276 13.44 -4.42 4.89
CA GLY B 276 13.28 -3.66 6.12
C GLY B 276 13.65 -2.17 6.10
N PHE B 277 14.26 -1.66 5.00
CA PHE B 277 14.64 -0.24 4.92
C PHE B 277 13.47 0.71 5.12
N MET B 278 12.31 0.42 4.52
CA MET B 278 11.11 1.28 4.64
C MET B 278 10.56 1.31 6.05
N GLU B 279 10.61 0.16 6.74
CA GLU B 279 10.18 0.01 8.13
C GLU B 279 11.14 0.79 9.05
N ASP B 280 12.44 0.81 8.72
CA ASP B 280 13.46 1.56 9.44
C ASP B 280 13.13 3.06 9.33
N LEU B 281 12.77 3.53 8.11
CA LEU B 281 12.37 4.94 7.89
C LEU B 281 11.15 5.25 8.73
N ASP B 282 10.21 4.30 8.76
CA ASP B 282 9.00 4.43 9.55
C ASP B 282 9.33 4.55 11.07
N LYS B 283 10.32 3.78 11.53
CA LYS B 283 10.78 3.81 12.91
C LYS B 283 11.53 5.12 13.27
N THR B 284 12.38 5.61 12.37
CA THR B 284 13.14 6.84 12.59
C THR B 284 12.24 8.10 12.62
N TRP B 285 11.32 8.20 11.68
CA TRP B 285 10.52 9.37 11.49
C TRP B 285 9.08 9.38 11.88
N VAL B 286 8.37 8.29 11.69
CA VAL B 286 6.96 8.28 11.99
C VAL B 286 6.56 7.78 13.36
N ARG B 287 7.21 6.76 13.88
CA ARG B 287 6.87 6.26 15.19
C ARG B 287 7.80 6.86 16.22
C ACT C . -4.37 -23.10 -20.67
O ACT C . -4.36 -21.95 -21.14
OXT ACT C . -5.39 -23.83 -20.60
CH3 ACT C . -3.03 -23.68 -20.13
N GLU D . 0.60 -14.99 -1.67
CA GLU D . 1.91 -15.63 -1.65
C GLU D . 2.57 -15.50 -2.99
O GLU D . 1.98 -14.90 -3.92
CB GLU D . 1.78 -17.12 -1.31
CG GLU D . 1.81 -17.40 0.17
CD GLU D . 3.12 -17.06 0.83
OE1 GLU D . 3.07 -16.35 1.86
OE2 GLU D . 4.19 -17.53 0.37
OXT GLU D . 3.64 -16.11 -3.13
CA CA E . 13.27 12.59 -17.11
N GLY F . -1.60 13.44 0.87
CA GLY F . -2.35 14.64 0.54
C GLY F . -2.47 14.80 -0.98
O GLY F . -3.19 15.70 -1.41
OXT GLY F . -1.82 14.02 -1.73
C4 5YC G . -0.73 0.02 -0.24
C14 5YC G . 3.58 -1.64 -0.93
C5 5YC G . -1.86 0.64 -0.90
C6 5YC G . -2.98 -1.41 -0.36
C11 5YC G . 2.01 -2.97 -2.78
C7 5YC G . -5.07 -0.76 -1.35
C8 5YC G . -6.48 -0.63 -1.84
C9 5YC G . 2.23 -1.88 -0.63
C10 5YC G . 1.43 -2.52 -1.60
C12 5YC G . 3.34 -2.75 -3.04
C13 5YC G . 4.12 -2.07 -2.13
N1 5YC G . -3.01 -0.18 -0.94
N2 5YC G . -1.96 -1.98 0.23
C3 5YC G . -0.82 -1.23 0.29
N3 5YC G . -4.20 0.17 -1.52
O 5YC G . -1.92 1.78 -1.32
S 5YC G . -4.52 -2.16 -0.49
C2 5YC G . 0.32 -1.88 1.03
N 5YC G . 1.67 -1.49 0.63
C1 5YC G . 2.52 -0.86 1.74
C 5YC G . 2.79 0.61 1.68
#